data_7AH8
#
_entry.id   7AH8
#
_cell.length_a   45.697
_cell.length_b   61.213
_cell.length_c   123.533
_cell.angle_alpha   90.000
_cell.angle_beta   90.000
_cell.angle_gamma   90.000
#
_symmetry.space_group_name_H-M   'P 21 21 21'
#
loop_
_entity.id
_entity.type
_entity.pdbx_description
1 polymer 'Nuclear transcription factor Y subunit beta'
2 polymer 'Isoform 6 of Nuclear transcription factor Y subunit gamma'
3 non-polymer GLYCEROL
4 non-polymer 'CITRATE ANION'
5 non-polymer "8,8'-[CARBONYLBIS[IMINO-3,1-PHENYLENECARBONYLIMINO(4-METHYL-3,1-PHENYLENE)CARBONYLIMINO]]BIS-1,3,5-NAPHTHALENETRISULFON IC ACID"
6 water water
#
loop_
_entity_poly.entity_id
_entity_poly.type
_entity_poly.pdbx_seq_one_letter_code
_entity_poly.pdbx_strand_id
1 'polypeptide(L)'
;EQDIYLPIANVARIMKNAIPQTGKIAKDAKECVQECVSEFISFITSEASERCHQEKRKTINGEDILFAMSTLGFDSYVEP
LKLYLQKFR
;
A,C
2 'polypeptide(L)' QELPLARIKKIMKLDEDVKMISAEAPVLFAKAAQIFITELTLRAWIHTEDNKRRTLQRNDIAMAITKFDQFDFLIDIVPR B,D
#
loop_
_chem_comp.id
_chem_comp.type
_chem_comp.name
_chem_comp.formula
FLC non-polymer 'CITRATE ANION' 'C6 H5 O7 -3'
GOL non-polymer GLYCEROL 'C3 H8 O3'
SVR non-polymer '8,8'-[CARBONYLBIS[IMINO-3,1-PHENYLENECARBONYLIMINO(4-METHYL-3,1-PHENYLENE)CARBONYLIMINO]]BIS-1,3,5-NAPHTHALENETRISULFON IC ACID' 'C51 H40 N6 O23 S6'
#
# COMPACT_ATOMS: atom_id res chain seq x y z
N GLN A 2 7.49 -23.39 0.04
CA GLN A 2 7.07 -22.01 0.41
C GLN A 2 6.04 -21.53 -0.62
N ASP A 3 4.85 -21.13 -0.16
CA ASP A 3 3.75 -20.69 -1.06
C ASP A 3 2.78 -19.83 -0.25
N ILE A 4 2.58 -18.62 -0.74
CA ILE A 4 1.81 -17.50 -0.13
C ILE A 4 0.49 -17.29 -0.84
N TYR A 5 -0.54 -16.95 -0.09
CA TYR A 5 -1.86 -16.69 -0.68
C TYR A 5 -2.40 -15.39 -0.13
N LEU A 6 -3.12 -14.67 -0.96
CA LEU A 6 -3.86 -13.52 -0.52
C LEU A 6 -4.88 -13.93 0.55
N PRO A 7 -5.23 -13.02 1.45
CA PRO A 7 -6.18 -13.39 2.52
C PRO A 7 -7.50 -13.87 1.96
N ILE A 8 -7.98 -14.99 2.51
CA ILE A 8 -9.18 -15.64 1.99
C ILE A 8 -10.40 -14.72 2.07
N ALA A 9 -10.43 -13.83 3.07
CA ALA A 9 -11.56 -12.92 3.21
C ALA A 9 -11.60 -11.90 2.08
N ASN A 10 -10.43 -11.37 1.70
CA ASN A 10 -10.37 -10.45 0.57
C ASN A 10 -10.83 -11.11 -0.72
N VAL A 11 -10.34 -12.33 -0.98
CA VAL A 11 -10.78 -13.07 -2.17
C VAL A 11 -12.29 -13.26 -2.15
N ALA A 12 -12.83 -13.64 -0.98
CA ALA A 12 -14.27 -13.88 -0.87
C ALA A 12 -15.07 -12.64 -1.20
N ARG A 13 -14.57 -11.46 -0.81
CA ARG A 13 -15.33 -10.23 -1.03
C ARG A 13 -15.45 -9.91 -2.51
N ILE A 14 -14.35 -10.05 -3.25
CA ILE A 14 -14.37 -9.82 -4.69
C ILE A 14 -15.27 -10.82 -5.38
N MET A 15 -15.17 -12.09 -5.00
CA MET A 15 -16.06 -13.12 -5.53
C MET A 15 -17.53 -12.78 -5.31
N LYS A 16 -17.87 -12.32 -4.10
CA LYS A 16 -19.27 -12.07 -3.77
C LYS A 16 -19.84 -10.90 -4.58
N ASN A 17 -19.02 -9.90 -4.89
CA ASN A 17 -19.50 -8.79 -5.72
C ASN A 17 -19.70 -9.21 -7.17
N ALA A 18 -19.18 -10.35 -7.57
CA ALA A 18 -19.26 -10.84 -8.94
C ALA A 18 -20.39 -11.85 -9.13
N ILE A 19 -21.28 -12.00 -8.17
CA ILE A 19 -22.33 -13.01 -8.28
C ILE A 19 -23.67 -12.37 -7.92
N PRO A 20 -24.79 -12.98 -8.36
CA PRO A 20 -26.11 -12.44 -8.02
C PRO A 20 -26.31 -12.25 -6.53
N GLN A 21 -27.27 -11.39 -6.17
CA GLN A 21 -27.53 -11.06 -4.78
C GLN A 21 -28.04 -12.26 -3.97
N THR A 22 -28.59 -13.27 -4.64
CA THR A 22 -29.00 -14.50 -3.96
C THR A 22 -27.89 -15.55 -3.89
N GLY A 23 -26.76 -15.32 -4.55
CA GLY A 23 -25.75 -16.35 -4.65
C GLY A 23 -24.92 -16.50 -3.39
N LYS A 24 -24.47 -17.73 -3.16
CA LYS A 24 -23.55 -18.08 -2.08
C LYS A 24 -22.33 -18.75 -2.65
N ILE A 25 -21.24 -18.72 -1.88
CA ILE A 25 -19.98 -19.33 -2.27
C ILE A 25 -19.62 -20.37 -1.23
N ALA A 26 -19.30 -21.58 -1.69
CA ALA A 26 -18.85 -22.62 -0.79
C ALA A 26 -17.44 -22.31 -0.29
N LYS A 27 -17.17 -22.76 0.94
CA LYS A 27 -15.81 -22.69 1.48
C LYS A 27 -14.80 -23.23 0.48
N ASP A 28 -15.13 -24.37 -0.14
CA ASP A 28 -14.28 -24.97 -1.18
C ASP A 28 -13.97 -23.97 -2.29
N ALA A 29 -14.97 -23.22 -2.74
CA ALA A 29 -14.80 -22.37 -3.91
C ALA A 29 -13.88 -21.19 -3.65
N LYS A 30 -14.05 -20.53 -2.50
CA LYS A 30 -13.18 -19.40 -2.17
C LYS A 30 -11.72 -19.82 -2.08
N GLU A 31 -11.45 -20.90 -1.35
CA GLU A 31 -10.08 -21.37 -1.20
C GLU A 31 -9.48 -21.77 -2.54
N CYS A 32 -10.29 -22.40 -3.40
CA CYS A 32 -9.84 -22.74 -4.74
C CYS A 32 -9.43 -21.50 -5.52
N VAL A 33 -10.27 -20.46 -5.51
CA VAL A 33 -9.94 -19.23 -6.23
C VAL A 33 -8.71 -18.57 -5.63
N GLN A 34 -8.57 -18.62 -4.30
CA GLN A 34 -7.39 -18.09 -3.63
C GLN A 34 -6.12 -18.72 -4.19
N GLU A 35 -6.15 -20.04 -4.44
CA GLU A 35 -4.99 -20.70 -5.02
C GLU A 35 -4.78 -20.26 -6.48
N CYS A 36 -5.88 -20.19 -7.24
CA CYS A 36 -5.78 -19.76 -8.64
C CYS A 36 -5.17 -18.36 -8.76
N VAL A 37 -5.52 -17.45 -7.84
CA VAL A 37 -5.04 -16.08 -7.97
C VAL A 37 -3.53 -16.00 -7.74
N SER A 38 -3.02 -16.72 -6.73
CA SER A 38 -1.57 -16.80 -6.55
C SER A 38 -0.90 -17.40 -7.78
N GLU A 39 -1.49 -18.46 -8.33
CA GLU A 39 -0.95 -19.08 -9.53
C GLU A 39 -0.93 -18.08 -10.69
N PHE A 40 -1.99 -17.28 -10.80
CA PHE A 40 -2.06 -16.26 -11.85
C PHE A 40 -0.93 -15.25 -11.70
N ILE A 41 -0.66 -14.81 -10.47
CA ILE A 41 0.41 -13.84 -10.25
C ILE A 41 1.77 -14.46 -10.56
N SER A 42 2.02 -15.66 -10.04
CA SER A 42 3.29 -16.34 -10.30
C SER A 42 3.46 -16.61 -11.80
N PHE A 43 2.40 -17.06 -12.45
CA PHE A 43 2.41 -17.27 -13.91
C PHE A 43 2.90 -16.04 -14.65
N ILE A 44 2.19 -14.91 -14.49
CA ILE A 44 2.56 -13.70 -15.21
C ILE A 44 3.94 -13.21 -14.81
N THR A 45 4.28 -13.31 -13.52
CA THR A 45 5.57 -12.84 -13.04
C THR A 45 6.73 -13.49 -13.79
N SER A 46 6.69 -14.82 -13.95
CA SER A 46 7.86 -15.53 -14.48
C SER A 46 8.12 -15.19 -15.94
N GLU A 47 7.05 -14.91 -16.71
CA GLU A 47 7.25 -14.40 -18.05
C GLU A 47 7.78 -12.97 -18.01
N ALA A 48 7.27 -12.16 -17.08
CA ALA A 48 7.74 -10.79 -16.96
C ALA A 48 9.22 -10.76 -16.61
N SER A 49 9.65 -11.60 -15.67
CA SER A 49 11.06 -11.68 -15.32
C SER A 49 11.91 -12.06 -16.53
N GLU A 50 11.36 -12.88 -17.43
CA GLU A 50 12.08 -13.24 -18.65
C GLU A 50 12.24 -12.02 -19.55
N ARG A 51 11.13 -11.33 -19.82
CA ARG A 51 11.19 -10.10 -20.61
C ARG A 51 12.10 -9.08 -19.96
N CYS A 52 11.98 -8.92 -18.64
CA CYS A 52 12.86 -8.04 -17.88
C CYS A 52 14.32 -8.41 -18.11
N HIS A 53 14.70 -9.65 -17.78
CA HIS A 53 16.09 -10.04 -17.94
C HIS A 53 16.57 -9.92 -19.38
N GLN A 54 15.71 -10.13 -20.37
CA GLN A 54 16.37 -10.15 -21.66
C GLN A 54 16.85 -8.78 -22.09
N GLU A 55 16.19 -7.71 -21.68
CA GLU A 55 16.65 -6.35 -21.89
C GLU A 55 17.61 -5.92 -20.79
N LYS A 56 18.35 -6.89 -20.21
CA LYS A 56 19.29 -6.71 -19.10
C LYS A 56 18.84 -5.64 -18.12
N ARG A 57 17.53 -5.62 -17.89
CA ARG A 57 16.95 -4.93 -16.76
C ARG A 57 16.97 -5.82 -15.54
N LYS A 58 16.83 -5.20 -14.39
CA LYS A 58 16.86 -5.83 -13.08
C LYS A 58 15.50 -5.86 -12.41
N THR A 59 14.76 -4.77 -12.47
CA THR A 59 13.46 -4.63 -11.83
C THR A 59 12.33 -4.79 -12.84
N ILE A 60 11.34 -5.62 -12.49
CA ILE A 60 10.16 -5.79 -13.34
C ILE A 60 9.28 -4.56 -13.24
N ASN A 61 8.99 -3.93 -14.37
CA ASN A 61 8.19 -2.71 -14.44
C ASN A 61 6.81 -3.01 -15.01
N GLY A 62 6.01 -1.94 -15.11
CA GLY A 62 4.66 -2.08 -15.66
C GLY A 62 4.62 -2.73 -17.02
N GLU A 63 5.45 -2.25 -17.95
CA GLU A 63 5.43 -2.77 -19.31
C GLU A 63 5.71 -4.27 -19.33
N ASP A 64 6.65 -4.75 -18.51
CA ASP A 64 6.95 -6.18 -18.47
C ASP A 64 5.72 -6.98 -18.07
N ILE A 65 4.93 -6.45 -17.14
CA ILE A 65 3.68 -7.11 -16.76
C ILE A 65 2.72 -7.11 -17.93
N LEU A 66 2.50 -5.94 -18.54
CA LEU A 66 1.49 -5.84 -19.61
C LEU A 66 1.91 -6.62 -20.84
N PHE A 67 3.21 -6.65 -21.15
CA PHE A 67 3.68 -7.55 -22.20
C PHE A 67 3.40 -9.00 -21.84
N ALA A 68 3.65 -9.38 -20.59
CA ALA A 68 3.40 -10.75 -20.16
C ALA A 68 1.91 -11.06 -20.22
N MET A 69 1.05 -10.09 -19.89
CA MET A 69 -0.39 -10.28 -20.00
C MET A 69 -0.78 -10.67 -21.42
N SER A 70 -0.39 -9.84 -22.40
CA SER A 70 -0.76 -10.11 -23.79
C SER A 70 -0.12 -11.39 -24.29
N THR A 71 1.14 -11.64 -23.91
CA THR A 71 1.84 -12.84 -24.36
C THR A 71 1.15 -14.10 -23.84
N LEU A 72 0.61 -14.05 -22.62
CA LEU A 72 0.10 -15.23 -21.94
C LEU A 72 -1.42 -15.35 -22.02
N GLY A 73 -2.07 -14.55 -22.86
CA GLY A 73 -3.48 -14.68 -23.11
C GLY A 73 -4.38 -13.69 -22.39
N PHE A 74 -3.83 -12.76 -21.63
CA PHE A 74 -4.60 -11.78 -20.88
C PHE A 74 -4.53 -10.40 -21.50
N ASP A 75 -4.49 -10.34 -22.84
CA ASP A 75 -4.41 -9.07 -23.55
C ASP A 75 -5.63 -8.19 -23.26
N SER A 76 -6.79 -8.80 -22.99
CA SER A 76 -7.97 -8.03 -22.63
C SER A 76 -7.78 -7.23 -21.35
N TYR A 77 -6.81 -7.59 -20.52
CA TYR A 77 -6.52 -6.85 -19.30
C TYR A 77 -5.69 -5.60 -19.54
N VAL A 78 -4.94 -5.56 -20.65
CA VAL A 78 -3.88 -4.57 -20.80
C VAL A 78 -4.45 -3.16 -20.88
N GLU A 79 -5.52 -2.96 -21.66
CA GLU A 79 -6.11 -1.62 -21.77
C GLU A 79 -6.71 -1.13 -20.45
N PRO A 80 -7.55 -1.89 -19.74
CA PRO A 80 -8.03 -1.38 -18.45
C PRO A 80 -6.91 -1.16 -17.45
N LEU A 81 -5.96 -2.09 -17.36
CA LEU A 81 -4.83 -1.91 -16.46
C LEU A 81 -4.05 -0.65 -16.78
N LYS A 82 -3.84 -0.36 -18.07
CA LYS A 82 -3.11 0.85 -18.44
C LYS A 82 -3.88 2.11 -18.05
N LEU A 83 -5.20 2.14 -18.28
CA LEU A 83 -5.98 3.28 -17.83
C LEU A 83 -5.93 3.40 -16.32
N TYR A 84 -5.97 2.25 -15.64
CA TYR A 84 -5.93 2.19 -14.16
C TYR A 84 -4.56 2.68 -13.66
N LEU A 85 -3.53 2.53 -14.51
CA LEU A 85 -2.15 2.96 -14.17
C LEU A 85 -1.86 4.33 -14.80
N GLN A 86 -2.87 5.20 -14.84
CA GLN A 86 -2.72 6.55 -15.44
C GLN A 86 -3.47 7.57 -14.57
N LYS A 87 -4.51 7.12 -13.86
CA LYS A 87 -5.31 8.01 -12.98
C LYS A 87 -4.61 8.18 -11.64
N PHE A 88 -3.99 7.10 -11.14
CA PHE A 88 -3.27 7.13 -9.84
C PHE A 88 -1.91 7.82 -10.03
N ARG A 89 -1.38 7.79 -11.24
CA ARG A 89 -0.07 8.44 -11.55
C ARG A 89 -0.27 9.94 -11.75
N GLU B 2 -8.44 -3.14 -2.04
CA GLU B 2 -9.03 -4.45 -1.82
C GLU B 2 -8.02 -5.54 -1.51
N LEU B 3 -6.82 -5.45 -2.11
CA LEU B 3 -5.81 -6.45 -1.82
C LEU B 3 -4.53 -5.83 -1.28
N PRO B 4 -3.94 -6.42 -0.23
CA PRO B 4 -2.71 -5.86 0.35
C PRO B 4 -1.53 -6.05 -0.60
N LEU B 5 -0.88 -4.94 -0.94
CA LEU B 5 0.24 -4.99 -1.87
C LEU B 5 1.44 -5.74 -1.33
N ALA B 6 1.68 -5.68 -0.01
CA ALA B 6 2.84 -6.36 0.56
C ALA B 6 2.76 -7.87 0.33
N ARG B 7 1.57 -8.44 0.43
CA ARG B 7 1.40 -9.88 0.19
C ARG B 7 1.59 -10.22 -1.28
N ILE B 8 1.10 -9.35 -2.17
CA ILE B 8 1.29 -9.56 -3.60
C ILE B 8 2.78 -9.53 -3.93
N LYS B 9 3.51 -8.59 -3.32
CA LYS B 9 4.94 -8.53 -3.52
C LYS B 9 5.63 -9.82 -3.08
N LYS B 10 5.20 -10.40 -1.95
CA LYS B 10 5.81 -11.62 -1.47
C LYS B 10 5.55 -12.78 -2.43
N ILE B 11 4.34 -12.85 -2.99
CA ILE B 11 4.02 -13.89 -3.97
C ILE B 11 4.91 -13.74 -5.21
N MET B 12 5.13 -12.50 -5.65
CA MET B 12 6.00 -12.25 -6.80
C MET B 12 7.40 -12.81 -6.56
N LYS B 13 7.91 -12.66 -5.34
CA LYS B 13 9.27 -13.03 -5.00
C LYS B 13 9.43 -14.47 -4.60
N LEU B 14 8.37 -15.28 -4.78
CA LEU B 14 8.57 -16.72 -4.76
C LEU B 14 9.35 -17.16 -5.98
N ASP B 15 9.16 -16.46 -7.10
CA ASP B 15 10.02 -16.64 -8.25
C ASP B 15 11.43 -16.31 -7.87
N GLU B 16 12.30 -17.28 -8.05
CA GLU B 16 13.67 -17.05 -7.66
C GLU B 16 14.41 -16.20 -8.68
N ASP B 17 13.97 -16.20 -9.94
CA ASP B 17 14.58 -15.33 -10.93
C ASP B 17 14.12 -13.90 -10.75
N VAL B 18 13.37 -13.68 -9.67
CA VAL B 18 12.85 -12.39 -9.25
C VAL B 18 13.50 -12.01 -7.93
N LYS B 19 14.06 -10.81 -7.85
CA LYS B 19 14.46 -10.37 -6.51
C LYS B 19 14.18 -8.90 -6.19
N MET B 20 14.21 -8.01 -7.19
CA MET B 20 13.79 -6.61 -7.01
C MET B 20 12.56 -6.28 -7.85
N ILE B 21 11.63 -5.53 -7.24
CA ILE B 21 10.38 -5.14 -7.89
C ILE B 21 10.22 -3.63 -7.82
N SER B 22 9.56 -3.09 -8.85
CA SER B 22 9.22 -1.69 -8.97
C SER B 22 7.99 -1.35 -8.14
N ALA B 23 7.75 -0.05 -7.98
CA ALA B 23 6.59 0.42 -7.24
C ALA B 23 5.29 -0.02 -7.90
N GLU B 24 5.24 0.02 -9.23
CA GLU B 24 3.98 -0.17 -9.95
C GLU B 24 3.58 -1.64 -10.10
N ALA B 25 4.52 -2.59 -10.01
CA ALA B 25 4.15 -3.98 -10.24
C ALA B 25 3.07 -4.48 -9.29
N PRO B 26 3.18 -4.33 -7.96
CA PRO B 26 2.08 -4.80 -7.10
C PRO B 26 0.77 -4.06 -7.32
N VAL B 27 0.81 -2.81 -7.77
CA VAL B 27 -0.45 -2.10 -8.02
C VAL B 27 -1.13 -2.65 -9.27
N LEU B 28 -0.35 -2.95 -10.32
CA LEU B 28 -0.90 -3.64 -11.48
C LEU B 28 -1.48 -4.99 -11.10
N PHE B 29 -0.75 -5.78 -10.32
CA PHE B 29 -1.22 -7.11 -9.98
C PHE B 29 -2.44 -7.07 -9.08
N ALA B 30 -2.54 -6.06 -8.22
CA ALA B 30 -3.71 -5.92 -7.36
C ALA B 30 -4.98 -5.77 -8.19
N LYS B 31 -4.96 -4.84 -9.15
CA LYS B 31 -6.12 -4.66 -10.01
C LYS B 31 -6.30 -5.85 -10.95
N ALA B 32 -5.20 -6.35 -11.53
CA ALA B 32 -5.28 -7.55 -12.34
C ALA B 32 -5.86 -8.71 -11.55
N ALA B 33 -5.46 -8.86 -10.28
CA ALA B 33 -6.01 -9.92 -9.45
C ALA B 33 -7.51 -9.71 -9.22
N GLN B 34 -7.93 -8.45 -9.07
CA GLN B 34 -9.37 -8.17 -8.95
C GLN B 34 -10.12 -8.63 -10.19
N ILE B 35 -9.60 -8.28 -11.38
CA ILE B 35 -10.27 -8.68 -12.61
C ILE B 35 -10.27 -10.20 -12.75
N PHE B 36 -9.16 -10.85 -12.38
CA PHE B 36 -9.05 -12.29 -12.56
C PHE B 36 -10.02 -13.03 -11.65
N ILE B 37 -10.08 -12.64 -10.37
CA ILE B 37 -11.03 -13.23 -9.45
C ILE B 37 -12.46 -13.02 -9.94
N THR B 38 -12.76 -11.82 -10.44
CA THR B 38 -14.11 -11.54 -10.92
C THR B 38 -14.46 -12.35 -12.15
N GLU B 39 -13.53 -12.46 -13.11
CA GLU B 39 -13.80 -13.22 -14.33
C GLU B 39 -13.97 -14.70 -14.02
N LEU B 40 -13.03 -15.28 -13.26
CA LEU B 40 -13.09 -16.70 -12.96
C LEU B 40 -14.35 -17.05 -12.20
N THR B 41 -14.72 -16.24 -11.20
CA THR B 41 -15.94 -16.48 -10.45
C THR B 41 -17.16 -16.41 -11.35
N LEU B 42 -17.26 -15.35 -12.14
CA LEU B 42 -18.39 -15.17 -13.05
C LEU B 42 -18.50 -16.35 -14.01
N ARG B 43 -17.37 -16.73 -14.62
CA ARG B 43 -17.39 -17.81 -15.60
C ARG B 43 -17.82 -19.12 -14.96
N ALA B 44 -17.42 -19.35 -13.71
CA ALA B 44 -17.85 -20.53 -12.97
C ALA B 44 -19.32 -20.45 -12.59
N TRP B 45 -19.84 -19.24 -12.35
CA TRP B 45 -21.24 -19.09 -11.99
C TRP B 45 -22.16 -19.59 -13.09
N ILE B 46 -21.68 -19.60 -14.34
CA ILE B 46 -22.48 -20.12 -15.45
C ILE B 46 -22.93 -21.55 -15.16
N HIS B 47 -22.01 -22.39 -14.69
N HIS B 47 -22.02 -22.39 -14.68
CA HIS B 47 -22.36 -23.77 -14.35
CA HIS B 47 -22.36 -23.76 -14.36
C HIS B 47 -23.21 -23.84 -13.09
C HIS B 47 -23.15 -23.87 -13.06
N THR B 48 -23.03 -22.89 -12.16
CA THR B 48 -23.93 -22.82 -11.02
C THR B 48 -25.36 -22.61 -11.48
N GLU B 49 -25.54 -21.79 -12.51
CA GLU B 49 -26.87 -21.50 -13.04
C GLU B 49 -27.42 -22.70 -13.83
N ASP B 50 -26.55 -23.41 -14.56
CA ASP B 50 -27.00 -24.57 -15.31
C ASP B 50 -27.63 -25.63 -14.42
N ASN B 51 -27.15 -25.77 -13.19
CA ASN B 51 -27.73 -26.72 -12.24
C ASN B 51 -28.73 -26.04 -11.30
N LYS B 52 -29.16 -24.83 -11.66
CA LYS B 52 -30.10 -24.02 -10.89
C LYS B 52 -29.82 -24.12 -9.39
N ARG B 53 -28.56 -23.85 -9.05
CA ARG B 53 -28.08 -23.78 -7.68
C ARG B 53 -27.85 -22.32 -7.30
N ARG B 54 -27.72 -22.09 -5.99
CA ARG B 54 -27.36 -20.77 -5.48
C ARG B 54 -26.01 -20.75 -4.81
N THR B 55 -25.36 -21.91 -4.64
CA THR B 55 -24.06 -21.98 -4.00
C THR B 55 -23.02 -22.31 -5.06
N LEU B 56 -22.11 -21.37 -5.28
CA LEU B 56 -20.99 -21.62 -6.17
C LEU B 56 -20.06 -22.64 -5.52
N GLN B 57 -19.70 -23.67 -6.26
CA GLN B 57 -18.94 -24.77 -5.72
C GLN B 57 -17.63 -24.92 -6.48
N ARG B 58 -16.68 -25.62 -5.84
CA ARG B 58 -15.39 -25.83 -6.47
C ARG B 58 -15.55 -26.55 -7.80
N ASN B 59 -16.55 -27.43 -7.89
CA ASN B 59 -16.95 -28.04 -9.15
C ASN B 59 -17.15 -27.01 -10.25
N ASP B 60 -17.80 -25.89 -9.93
CA ASP B 60 -18.07 -24.88 -10.94
C ASP B 60 -16.79 -24.22 -11.43
N ILE B 61 -15.83 -23.97 -10.55
CA ILE B 61 -14.60 -23.29 -10.95
C ILE B 61 -13.75 -24.19 -11.83
N ALA B 62 -13.61 -25.47 -11.45
CA ALA B 62 -12.90 -26.43 -12.30
C ALA B 62 -13.55 -26.52 -13.68
N MET B 63 -14.88 -26.48 -13.72
CA MET B 63 -15.60 -26.52 -14.99
C MET B 63 -15.23 -25.32 -15.86
N ALA B 64 -15.31 -24.12 -15.28
CA ALA B 64 -15.00 -22.90 -16.04
C ALA B 64 -13.56 -22.90 -16.56
N ILE B 65 -12.63 -23.48 -15.78
CA ILE B 65 -11.24 -23.54 -16.21
C ILE B 65 -11.11 -24.34 -17.51
N THR B 66 -11.87 -25.44 -17.61
CA THR B 66 -11.85 -26.27 -18.81
C THR B 66 -12.37 -25.54 -20.04
N LYS B 67 -13.34 -24.64 -19.88
CA LYS B 67 -14.05 -24.07 -21.02
C LYS B 67 -13.50 -22.73 -21.47
N PHE B 68 -12.35 -22.31 -20.93
CA PHE B 68 -11.71 -21.08 -21.39
C PHE B 68 -10.22 -21.31 -21.59
N ASP B 69 -9.71 -20.95 -22.77
CA ASP B 69 -8.29 -21.10 -23.06
C ASP B 69 -7.43 -20.24 -22.14
N GLN B 70 -7.99 -19.14 -21.61
CA GLN B 70 -7.24 -18.27 -20.73
C GLN B 70 -6.80 -18.98 -19.45
N PHE B 71 -7.54 -20.01 -19.04
CA PHE B 71 -7.28 -20.71 -17.78
C PHE B 71 -6.54 -22.02 -17.97
N ASP B 72 -5.89 -22.21 -19.13
CA ASP B 72 -5.19 -23.46 -19.38
C ASP B 72 -4.11 -23.71 -18.33
N PHE B 73 -3.41 -22.66 -17.90
CA PHE B 73 -2.37 -22.81 -16.89
C PHE B 73 -2.91 -23.30 -15.55
N LEU B 74 -4.24 -23.41 -15.40
CA LEU B 74 -4.85 -23.82 -14.13
C LEU B 74 -5.41 -25.24 -14.15
N ILE B 75 -5.15 -26.04 -15.20
CA ILE B 75 -5.79 -27.36 -15.30
C ILE B 75 -5.18 -28.32 -14.28
N ASP B 76 -3.88 -28.18 -13.99
CA ASP B 76 -3.25 -28.99 -12.96
C ASP B 76 -3.37 -28.36 -11.59
N ILE B 77 -3.90 -27.15 -11.50
CA ILE B 77 -4.06 -26.50 -10.21
C ILE B 77 -5.40 -26.86 -9.59
N VAL B 78 -6.44 -26.94 -10.42
CA VAL B 78 -7.76 -27.38 -10.01
C VAL B 78 -8.14 -28.61 -10.86
N PRO B 79 -7.93 -29.80 -10.34
CA PRO B 79 -8.41 -31.00 -11.03
C PRO B 79 -9.85 -31.26 -10.67
N ARG B 80 -10.52 -32.03 -11.49
CA ARG B 80 -11.87 -32.41 -11.11
C ARG B 80 -11.82 -33.79 -10.46
N GLU C 1 -4.69 22.81 -5.30
CA GLU C 1 -4.61 22.50 -3.88
C GLU C 1 -3.17 22.77 -3.35
N GLN C 2 -2.72 23.88 -2.67
CA GLN C 2 -1.28 23.80 -2.30
C GLN C 2 -1.13 22.65 -1.34
N ASP C 3 -1.72 22.91 -0.20
CA ASP C 3 -1.48 22.31 1.08
C ASP C 3 -2.41 21.14 1.22
N ILE C 4 -1.84 19.98 1.38
CA ILE C 4 -2.67 18.81 1.64
C ILE C 4 -2.17 18.09 2.90
N TYR C 5 -3.11 17.37 3.50
CA TYR C 5 -3.05 16.82 4.83
C TYR C 5 -3.60 15.41 4.79
N LEU C 6 -3.06 14.59 5.68
CA LEU C 6 -3.59 13.27 5.91
C LEU C 6 -5.00 13.37 6.49
N PRO C 7 -5.84 12.36 6.26
CA PRO C 7 -7.22 12.41 6.79
C PRO C 7 -7.23 12.55 8.31
N ILE C 8 -8.09 13.44 8.80
CA ILE C 8 -8.14 13.75 10.22
C ILE C 8 -8.43 12.51 11.05
N ALA C 9 -9.18 11.56 10.49
CA ALA C 9 -9.51 10.35 11.24
C ALA C 9 -8.30 9.46 11.45
N ASN C 10 -7.46 9.30 10.43
CA ASN C 10 -6.25 8.50 10.57
C ASN C 10 -5.32 9.12 11.61
N VAL C 11 -5.10 10.43 11.51
CA VAL C 11 -4.28 11.14 12.49
C VAL C 11 -4.87 11.00 13.88
N ALA C 12 -6.19 11.16 14.00
CA ALA C 12 -6.84 11.11 15.31
C ALA C 12 -6.65 9.76 15.99
N ARG C 13 -6.75 8.66 15.25
CA ARG C 13 -6.67 7.36 15.90
C ARG C 13 -5.24 7.07 16.38
N ILE C 14 -4.24 7.46 15.60
CA ILE C 14 -2.86 7.30 16.06
C ILE C 14 -2.63 8.11 17.33
N MET C 15 -3.16 9.33 17.37
CA MET C 15 -3.12 10.14 18.59
C MET C 15 -3.77 9.40 19.75
N LYS C 16 -4.93 8.78 19.51
CA LYS C 16 -5.64 8.11 20.60
C LYS C 16 -4.85 6.92 21.13
N ASN C 17 -4.09 6.24 20.27
CA ASN C 17 -3.24 5.15 20.72
C ASN C 17 -2.01 5.61 21.49
N ALA C 18 -1.66 6.90 21.43
CA ALA C 18 -0.47 7.41 22.08
C ALA C 18 -0.74 8.00 23.45
N ILE C 19 -1.97 7.90 23.93
CA ILE C 19 -2.36 8.42 25.25
C ILE C 19 -3.25 7.40 25.93
N PRO C 20 -3.38 7.47 27.26
CA PRO C 20 -4.27 6.53 27.95
C PRO C 20 -5.68 6.58 27.40
N GLN C 21 -6.40 5.47 27.59
CA GLN C 21 -7.78 5.40 27.15
C GLN C 21 -8.69 6.36 27.92
N THR C 22 -8.22 6.87 29.05
CA THR C 22 -9.00 7.85 29.81
C THR C 22 -8.84 9.26 29.26
N GLY C 23 -7.91 9.46 28.33
CA GLY C 23 -7.68 10.79 27.79
C GLY C 23 -8.66 11.13 26.69
N LYS C 24 -8.91 12.43 26.54
CA LYS C 24 -9.70 12.96 25.44
C LYS C 24 -8.85 13.97 24.68
N ILE C 25 -9.16 14.16 23.40
CA ILE C 25 -8.41 15.07 22.54
C ILE C 25 -9.37 16.11 21.97
N ALA C 26 -8.99 17.38 22.06
CA ALA C 26 -9.79 18.46 21.49
C ALA C 26 -9.72 18.43 19.97
N LYS C 27 -10.81 18.86 19.35
CA LYS C 27 -10.86 18.98 17.89
C LYS C 27 -9.69 19.77 17.32
N ASP C 28 -9.46 20.97 17.85
CA ASP C 28 -8.32 21.78 17.40
C ASP C 28 -7.02 21.00 17.53
N ALA C 29 -6.87 20.20 18.58
CA ALA C 29 -5.61 19.51 18.83
C ALA C 29 -5.29 18.51 17.72
N LYS C 30 -6.29 17.72 17.30
CA LYS C 30 -6.07 16.80 16.19
C LYS C 30 -5.69 17.54 14.91
N GLU C 31 -6.45 18.59 14.58
CA GLU C 31 -6.19 19.35 13.36
C GLU C 31 -4.81 19.98 13.39
N CYS C 32 -4.41 20.45 14.57
CA CYS C 32 -3.06 20.97 14.75
C CYS C 32 -2.02 19.91 14.39
N VAL C 33 -2.16 18.71 14.95
CA VAL C 33 -1.23 17.64 14.65
C VAL C 33 -1.32 17.24 13.18
N GLN C 34 -2.54 17.24 12.64
CA GLN C 34 -2.72 16.96 11.21
C GLN C 34 -1.88 17.91 10.35
N GLU C 35 -1.84 19.19 10.73
CA GLU C 35 -1.03 20.15 10.00
C GLU C 35 0.46 19.90 10.20
N CYS C 36 0.87 19.62 11.45
CA CYS C 36 2.28 19.37 11.74
C CYS C 36 2.83 18.21 10.92
N VAL C 37 2.02 17.18 10.70
CA VAL C 37 2.50 15.99 9.99
C VAL C 37 2.85 16.32 8.55
N SER C 38 1.97 17.07 7.88
CA SER C 38 2.28 17.53 6.53
C SER C 38 3.55 18.37 6.52
N GLU C 39 3.70 19.26 7.51
CA GLU C 39 4.93 20.04 7.62
C GLU C 39 6.13 19.15 7.84
N PHE C 40 5.99 18.11 8.67
CA PHE C 40 7.10 17.20 8.91
C PHE C 40 7.53 16.50 7.64
N ILE C 41 6.55 16.05 6.83
CA ILE C 41 6.88 15.36 5.58
C ILE C 41 7.55 16.32 4.60
N SER C 42 6.98 17.50 4.41
CA SER C 42 7.57 18.49 3.50
C SER C 42 8.97 18.88 3.96
N PHE C 43 9.14 19.08 5.28
CA PHE C 43 10.45 19.36 5.85
C PHE C 43 11.48 18.32 5.42
N ILE C 44 11.24 17.04 5.75
CA ILE C 44 12.19 15.98 5.40
C ILE C 44 12.35 15.88 3.90
N THR C 45 11.24 15.98 3.16
CA THR C 45 11.28 15.91 1.70
C THR C 45 12.25 16.91 1.11
N SER C 46 12.23 18.15 1.62
CA SER C 46 12.99 19.22 0.98
C SER C 46 14.49 18.97 1.10
N GLU C 47 14.94 18.36 2.20
CA GLU C 47 16.34 17.97 2.30
C GLU C 47 16.67 16.78 1.41
N ALA C 48 15.80 15.77 1.39
CA ALA C 48 16.06 14.59 0.57
C ALA C 48 16.11 14.94 -0.90
N SER C 49 15.17 15.76 -1.37
CA SER C 49 15.19 16.17 -2.76
C SER C 49 16.50 16.90 -3.11
N GLU C 50 17.07 17.65 -2.16
CA GLU C 50 18.36 18.30 -2.42
C GLU C 50 19.47 17.27 -2.52
N ARG C 51 19.58 16.39 -1.50
CA ARG C 51 20.61 15.35 -1.53
C ARG C 51 20.47 14.46 -2.76
N CYS C 52 19.26 14.01 -3.04
CA CYS C 52 19.00 13.28 -4.28
C CYS C 52 19.39 14.08 -5.50
N HIS C 53 18.84 15.29 -5.63
CA HIS C 53 19.03 16.06 -6.86
C HIS C 53 20.53 16.29 -7.10
N GLN C 54 21.34 16.39 -6.02
CA GLN C 54 22.77 16.69 -6.11
C GLN C 54 23.62 15.48 -6.50
N GLU C 55 23.09 14.26 -6.35
CA GLU C 55 23.71 13.10 -6.99
C GLU C 55 23.10 12.87 -8.36
N LYS C 56 22.62 13.95 -8.98
CA LYS C 56 21.94 14.00 -10.27
C LYS C 56 20.95 12.85 -10.40
N ARG C 57 20.46 12.35 -9.26
CA ARG C 57 19.42 11.30 -9.33
C ARG C 57 18.05 11.95 -9.50
N LYS C 58 17.09 11.20 -10.02
CA LYS C 58 15.76 11.79 -10.30
C LYS C 58 14.74 11.34 -9.27
N THR C 59 15.07 10.35 -8.46
CA THR C 59 14.03 9.86 -7.55
C THR C 59 14.55 9.75 -6.13
N ILE C 60 13.76 10.22 -5.17
CA ILE C 60 14.11 10.15 -3.73
C ILE C 60 13.97 8.69 -3.30
N ASN C 61 15.01 8.13 -2.72
CA ASN C 61 15.03 6.74 -2.30
C ASN C 61 15.08 6.67 -0.78
N GLY C 62 15.08 5.43 -0.28
CA GLY C 62 15.12 5.21 1.16
C GLY C 62 16.30 5.91 1.83
N GLU C 63 17.50 5.71 1.27
CA GLU C 63 18.69 6.30 1.86
C GLU C 63 18.56 7.81 2.01
N ASP C 64 18.03 8.48 0.99
CA ASP C 64 17.89 9.93 1.04
C ASP C 64 16.94 10.36 2.15
N ILE C 65 15.87 9.59 2.38
CA ILE C 65 14.97 9.88 3.49
C ILE C 65 15.70 9.74 4.82
N LEU C 66 16.34 8.59 5.06
CA LEU C 66 16.99 8.35 6.34
C LEU C 66 18.18 9.26 6.51
N PHE C 67 18.86 9.57 5.41
CA PHE C 67 19.93 10.55 5.43
C PHE C 67 19.39 11.92 5.86
N ALA C 68 18.24 12.32 5.31
CA ALA C 68 17.63 13.59 5.67
C ALA C 68 17.16 13.59 7.12
N MET C 69 16.66 12.45 7.61
CA MET C 69 16.25 12.33 9.01
C MET C 69 17.39 12.69 9.95
N SER C 70 18.54 12.03 9.78
CA SER C 70 19.67 12.26 10.66
C SER C 70 20.15 13.70 10.58
N THR C 71 20.17 14.26 9.37
CA THR C 71 20.61 15.64 9.17
C THR C 71 19.73 16.63 9.90
N LEU C 72 18.42 16.39 9.95
CA LEU C 72 17.47 17.38 10.44
C LEU C 72 17.04 17.13 11.89
N GLY C 73 17.73 16.26 12.60
CA GLY C 73 17.49 16.05 14.01
C GLY C 73 16.64 14.85 14.35
N PHE C 74 16.21 14.08 13.36
CA PHE C 74 15.36 12.91 13.58
C PHE C 74 16.17 11.62 13.45
N ASP C 75 17.44 11.65 13.86
CA ASP C 75 18.30 10.47 13.76
C ASP C 75 17.78 9.31 14.58
N SER C 76 17.11 9.59 15.70
CA SER C 76 16.49 8.54 16.50
C SER C 76 15.41 7.80 15.73
N TYR C 77 14.86 8.41 14.68
CA TYR C 77 13.83 7.73 13.88
C TYR C 77 14.46 6.72 12.93
N VAL C 78 15.73 6.92 12.58
CA VAL C 78 16.37 6.10 11.56
C VAL C 78 16.49 4.65 12.04
N GLU C 79 16.77 4.46 13.33
CA GLU C 79 16.93 3.11 13.87
C GLU C 79 15.67 2.27 13.70
N PRO C 80 14.47 2.70 14.13
CA PRO C 80 13.27 1.89 13.83
C PRO C 80 12.93 1.82 12.35
N LEU C 81 13.09 2.94 11.62
CA LEU C 81 12.72 2.96 10.21
C LEU C 81 13.41 1.85 9.42
N LYS C 82 14.68 1.58 9.72
CA LYS C 82 15.36 0.48 9.03
C LYS C 82 14.71 -0.86 9.39
N LEU C 83 14.28 -1.03 10.64
CA LEU C 83 13.56 -2.24 11.03
C LEU C 83 12.27 -2.44 10.24
N TYR C 84 11.53 -1.35 10.02
CA TYR C 84 10.27 -1.42 9.28
C TYR C 84 10.49 -1.96 7.87
N LEU C 85 11.56 -1.51 7.22
CA LEU C 85 11.83 -1.88 5.84
C LEU C 85 12.18 -3.35 5.71
N GLN C 86 12.94 -3.89 6.68
CA GLN C 86 13.28 -5.31 6.71
C GLN C 86 12.07 -6.23 6.52
N LYS C 87 10.99 -5.96 7.26
CA LYS C 87 9.88 -6.91 7.28
C LYS C 87 9.23 -7.07 5.91
N PHE C 88 9.12 -5.99 5.14
N PHE C 88 9.08 -6.00 5.13
CA PHE C 88 8.53 -6.02 3.81
CA PHE C 88 8.47 -6.18 3.81
C PHE C 88 9.52 -6.45 2.73
C PHE C 88 9.50 -6.48 2.74
N ARG C 89 10.74 -6.98 3.13
CA ARG C 89 11.80 -7.37 2.20
C ARG C 89 12.59 -8.59 2.70
N GLN D 1 -2.77 1.65 4.05
CA GLN D 1 -2.36 1.14 5.35
C GLN D 1 -2.92 2.03 6.45
N GLU D 2 -2.23 2.08 7.60
CA GLU D 2 -2.68 2.93 8.70
C GLU D 2 -2.78 4.38 8.26
N LEU D 3 -1.88 4.80 7.38
CA LEU D 3 -1.91 6.09 6.69
C LEU D 3 -1.88 5.83 5.19
N PRO D 4 -2.70 6.54 4.42
CA PRO D 4 -2.75 6.27 2.97
C PRO D 4 -1.47 6.72 2.28
N LEU D 5 -0.82 5.77 1.59
CA LEU D 5 0.43 6.08 0.90
C LEU D 5 0.20 7.05 -0.24
N ALA D 6 -0.95 6.95 -0.91
CA ALA D 6 -1.26 7.84 -2.02
C ALA D 6 -1.33 9.29 -1.57
N ARG D 7 -1.88 9.53 -0.38
CA ARG D 7 -1.94 10.89 0.15
C ARG D 7 -0.55 11.40 0.52
N ILE D 8 0.30 10.51 1.03
CA ILE D 8 1.68 10.87 1.34
C ILE D 8 2.42 11.28 0.06
N LYS D 9 2.18 10.56 -1.03
CA LYS D 9 2.79 10.92 -2.32
C LYS D 9 2.40 12.33 -2.72
N LYS D 10 1.14 12.71 -2.51
CA LYS D 10 0.67 14.03 -2.89
C LYS D 10 1.36 15.12 -2.08
N ILE D 11 1.53 14.89 -0.77
CA ILE D 11 2.26 15.85 0.06
C ILE D 11 3.71 15.97 -0.42
N MET D 12 4.31 14.84 -0.80
CA MET D 12 5.68 14.86 -1.30
C MET D 12 5.83 15.73 -2.56
N LYS D 13 4.83 15.70 -3.44
CA LYS D 13 4.91 16.40 -4.72
C LYS D 13 4.47 17.86 -4.63
N LEU D 14 4.31 18.39 -3.41
CA LEU D 14 4.15 19.83 -3.28
C LEU D 14 5.46 20.57 -3.60
N ASP D 15 6.59 19.95 -3.29
CA ASP D 15 7.92 20.39 -3.69
C ASP D 15 8.12 20.38 -5.22
N GLU D 16 8.68 21.47 -5.79
CA GLU D 16 8.82 21.49 -7.25
C GLU D 16 9.85 20.44 -7.68
N ASP D 17 10.79 20.15 -6.81
CA ASP D 17 11.89 19.25 -7.17
C ASP D 17 11.56 17.77 -7.09
N VAL D 18 10.33 17.43 -6.76
CA VAL D 18 9.89 16.07 -6.69
C VAL D 18 8.81 15.90 -7.75
N LYS D 19 9.00 14.95 -8.65
CA LYS D 19 7.90 14.59 -9.53
C LYS D 19 7.80 13.12 -9.87
N MET D 20 8.86 12.35 -9.64
CA MET D 20 8.82 10.90 -9.60
C MET D 20 9.34 10.43 -8.25
N ILE D 21 8.68 9.42 -7.69
CA ILE D 21 8.96 8.94 -6.34
C ILE D 21 9.28 7.46 -6.38
N SER D 22 10.16 7.04 -5.47
CA SER D 22 10.52 5.63 -5.34
C SER D 22 9.45 4.88 -4.56
N ALA D 23 9.53 3.55 -4.63
CA ALA D 23 8.56 2.70 -3.95
C ALA D 23 8.65 2.86 -2.43
N GLU D 24 9.86 2.91 -1.89
CA GLU D 24 10.02 2.85 -0.43
C GLU D 24 9.79 4.20 0.24
N ALA D 25 9.94 5.30 -0.47
CA ALA D 25 9.84 6.62 0.16
C ALA D 25 8.50 6.85 0.84
N PRO D 26 7.35 6.68 0.20
CA PRO D 26 6.09 6.90 0.93
C PRO D 26 5.88 5.89 2.05
N VAL D 27 6.49 4.70 1.94
CA VAL D 27 6.36 3.71 3.00
C VAL D 27 7.17 4.14 4.22
N LEU D 28 8.39 4.64 3.99
CA LEU D 28 9.18 5.21 5.08
C LEU D 28 8.42 6.35 5.76
N PHE D 29 7.82 7.24 4.96
CA PHE D 29 7.13 8.39 5.53
C PHE D 29 5.88 7.98 6.30
N ALA D 30 5.23 6.88 5.91
CA ALA D 30 4.06 6.41 6.64
C ALA D 30 4.43 6.05 8.08
N LYS D 31 5.49 5.27 8.24
CA LYS D 31 5.93 4.88 9.58
C LYS D 31 6.49 6.09 10.34
N ALA D 32 7.32 6.90 9.66
CA ALA D 32 7.84 8.12 10.28
C ALA D 32 6.72 9.05 10.74
N ALA D 33 5.69 9.21 9.92
CA ALA D 33 4.57 10.07 10.33
C ALA D 33 3.85 9.49 11.53
N GLN D 34 3.66 8.17 11.57
CA GLN D 34 3.05 7.54 12.73
C GLN D 34 3.89 7.75 13.98
N ILE D 35 5.21 7.55 13.85
CA ILE D 35 6.10 7.78 14.99
C ILE D 35 6.07 9.24 15.39
N PHE D 36 6.02 10.15 14.41
CA PHE D 36 6.01 11.58 14.70
C PHE D 36 4.71 11.98 15.39
N ILE D 37 3.57 11.52 14.86
CA ILE D 37 2.29 11.80 15.52
C ILE D 37 2.32 11.29 16.94
N THR D 38 2.87 10.10 17.15
CA THR D 38 2.94 9.53 18.48
C THR D 38 3.85 10.35 19.39
N GLU D 39 4.99 10.80 18.85
CA GLU D 39 5.95 11.56 19.66
C GLU D 39 5.34 12.90 20.08
N LEU D 40 4.79 13.65 19.13
CA LEU D 40 4.22 14.95 19.44
C LEU D 40 3.03 14.83 20.38
N THR D 41 2.14 13.86 20.14
CA THR D 41 1.00 13.67 21.03
C THR D 41 1.47 13.31 22.44
N LEU D 42 2.41 12.37 22.55
CA LEU D 42 2.93 11.98 23.85
C LEU D 42 3.49 13.17 24.62
N ARG D 43 4.31 13.99 23.95
CA ARG D 43 4.90 15.15 24.62
C ARG D 43 3.84 16.14 25.08
N ALA D 44 2.79 16.35 24.28
CA ALA D 44 1.74 17.25 24.71
C ALA D 44 0.92 16.64 25.85
N TRP D 45 0.75 15.32 25.84
CA TRP D 45 0.01 14.67 26.91
C TRP D 45 0.75 14.76 28.25
N ILE D 46 2.08 14.75 28.23
CA ILE D 46 2.84 14.90 29.47
C ILE D 46 2.52 16.23 30.13
N HIS D 47 2.41 17.30 29.33
CA HIS D 47 1.98 18.58 29.89
C HIS D 47 0.54 18.53 30.36
N THR D 48 -0.30 17.73 29.72
CA THR D 48 -1.68 17.57 30.17
C THR D 48 -1.73 16.87 31.53
N GLU D 49 -0.91 15.83 31.72
CA GLU D 49 -0.93 15.10 32.97
C GLU D 49 -0.31 15.90 34.10
N ASP D 50 0.76 16.64 33.79
CA ASP D 50 1.38 17.49 34.81
C ASP D 50 0.38 18.50 35.36
N ASN D 51 -0.58 18.92 34.54
CA ASN D 51 -1.64 19.83 34.95
C ASN D 51 -2.92 19.08 35.33
N LYS D 52 -2.83 17.77 35.59
CA LYS D 52 -3.95 16.92 35.97
C LYS D 52 -5.21 17.24 35.18
N ARG D 53 -5.07 17.29 33.87
CA ARG D 53 -6.20 17.42 32.98
C ARG D 53 -6.40 16.08 32.27
N ARG D 54 -7.59 15.90 31.69
CA ARG D 54 -7.85 14.76 30.80
C ARG D 54 -8.17 15.08 29.35
N THR D 55 -8.22 16.33 28.93
CA THR D 55 -8.42 16.66 27.52
C THR D 55 -7.13 17.26 26.97
N LEU D 56 -6.53 16.59 25.99
CA LEU D 56 -5.37 17.15 25.29
C LEU D 56 -5.84 18.35 24.45
N GLN D 57 -5.18 19.48 24.59
CA GLN D 57 -5.65 20.68 23.90
C GLN D 57 -4.54 21.16 22.96
N ARG D 58 -4.92 22.01 22.00
CA ARG D 58 -3.93 22.54 21.06
C ARG D 58 -2.85 23.33 21.77
N ASN D 59 -3.23 24.04 22.83
CA ASN D 59 -2.28 24.74 23.67
C ASN D 59 -1.15 23.83 24.11
N ASP D 60 -1.49 22.58 24.47
CA ASP D 60 -0.48 21.61 24.91
C ASP D 60 0.46 21.23 23.77
N ILE D 61 -0.06 21.11 22.55
CA ILE D 61 0.81 20.76 21.42
C ILE D 61 1.75 21.90 21.10
N ALA D 62 1.23 23.13 21.11
CA ALA D 62 2.10 24.29 20.94
C ALA D 62 3.17 24.33 22.02
N MET D 63 2.82 23.96 23.25
CA MET D 63 3.79 23.92 24.33
C MET D 63 4.90 22.92 24.05
N ALA D 64 4.53 21.68 23.69
CA ALA D 64 5.53 20.65 23.44
C ALA D 64 6.50 21.06 22.33
N ILE D 65 6.01 21.81 21.34
CA ILE D 65 6.87 22.27 20.26
C ILE D 65 7.96 23.19 20.78
N THR D 66 7.61 24.09 21.71
CA THR D 66 8.61 24.99 22.28
C THR D 66 9.69 24.29 23.08
N LYS D 67 9.37 23.16 23.74
CA LYS D 67 10.30 22.59 24.70
C LYS D 67 11.18 21.48 24.13
N PHE D 68 11.13 21.21 22.83
CA PHE D 68 12.03 20.24 22.23
C PHE D 68 12.62 20.81 20.96
N ASP D 69 13.96 20.76 20.89
CA ASP D 69 14.67 21.26 19.72
C ASP D 69 14.30 20.48 18.46
N GLN D 70 13.85 19.24 18.60
CA GLN D 70 13.45 18.46 17.43
C GLN D 70 12.27 19.10 16.70
N PHE D 71 11.44 19.86 17.41
CA PHE D 71 10.23 20.45 16.85
C PHE D 71 10.43 21.91 16.47
N ASP D 72 11.68 22.34 16.29
CA ASP D 72 11.97 23.73 15.95
C ASP D 72 11.27 24.14 14.65
N PHE D 73 11.24 23.25 13.66
CA PHE D 73 10.62 23.59 12.39
C PHE D 73 9.12 23.84 12.50
N LEU D 74 8.50 23.62 13.66
CA LEU D 74 7.06 23.81 13.86
C LEU D 74 6.74 25.09 14.62
N ILE D 75 7.72 25.98 14.80
CA ILE D 75 7.56 27.20 15.58
C ILE D 75 6.61 28.20 14.93
N ASP D 76 6.61 28.33 13.61
CA ASP D 76 5.62 29.21 12.98
C ASP D 76 4.34 28.52 12.54
N ILE D 77 4.20 27.21 12.76
CA ILE D 77 3.00 26.52 12.32
C ILE D 77 1.88 26.64 13.37
N VAL D 78 2.21 26.56 14.64
CA VAL D 78 1.22 26.80 15.71
C VAL D 78 1.71 27.97 16.56
N PRO D 79 1.20 29.17 16.30
CA PRO D 79 1.61 30.33 17.08
C PRO D 79 0.78 30.61 18.31
N ARG D 80 1.43 31.33 19.21
CA ARG D 80 0.87 32.08 20.33
C ARG D 80 0.69 33.57 20.24
C1 GOL E . -1.76 0.68 1.45
O1 GOL E . -2.73 1.67 1.14
C2 GOL E . -2.23 -0.68 0.94
O2 GOL E . -1.45 -1.10 -0.17
C3 GOL E . -2.33 -1.70 2.06
O3 GOL E . -1.83 -2.94 1.64
CAC FLC F . -13.13 17.45 -11.47
CA FLC F . -14.47 16.72 -11.38
CB FLC F . -15.50 17.57 -10.65
CBC FLC F . -16.41 18.21 -11.70
CG FLC F . -16.26 16.66 -9.68
CGC FLC F . -17.51 17.29 -9.09
OA1 FLC F . -12.91 18.27 -12.40
OA2 FLC F . -12.23 17.22 -10.61
OB1 FLC F . -17.65 18.33 -11.51
OB2 FLC F . -15.90 18.62 -12.78
OG1 FLC F . -18.57 16.62 -8.99
OG2 FLC F . -17.50 18.49 -8.69
OHB FLC F . -14.85 18.59 -9.93
O35 SVR G . 18.51 -6.79 -2.85
S31 SVR G . 17.17 -6.89 -2.13
O36 SVR G . 16.54 -8.06 -2.85
O34 SVR G . 17.37 -7.18 -0.66
C22 SVR G . 16.22 -5.35 -2.33
C18 SVR G . 14.86 -5.47 -2.61
C11 SVR G . 14.07 -4.33 -2.77
S17 SVR G . 12.53 -5.22 -3.11
O23 SVR G . 12.23 -5.30 -4.59
O24 SVR G . 12.71 -6.66 -2.74
O25 SVR G . 11.38 -4.59 -2.36
C16 SVR G . 16.77 -4.08 -2.19
C10 SVR G . 15.97 -2.93 -2.33
C15 SVR G . 16.58 -1.67 -2.20
S21 SVR G . 18.31 -1.33 -1.81
O28 SVR G . 18.59 0.15 -1.93
O29 SVR G . 18.55 -1.55 -0.33
O30 SVR G . 19.27 -2.14 -2.64
C12 SVR G . 15.81 -0.53 -2.35
C7 SVR G . 14.46 -0.63 -2.64
C6 SVR G . 14.64 -3.05 -2.63
C3 SVR G . 13.86 -1.88 -2.77
N1 SVR G . 12.42 -1.97 -3.10
C2 SVR G . 11.34 -1.61 -2.17
O4 SVR G . 11.60 -1.24 -1.07
C5 SVR G . 9.89 -1.72 -2.66
C8 SVR G . 8.80 -1.47 -1.81
C9 SVR G . 9.67 -2.07 -3.98
C14 SVR G . 8.38 -2.18 -4.47
C20 SVR G . 7.31 -1.93 -3.64
C27 SVR G . 5.88 -2.04 -4.18
C13 SVR G . 7.50 -1.58 -2.31
N19 SVR G . 6.29 -1.34 -1.51
C26 SVR G . 5.96 -2.19 -0.37
O32 SVR G . 6.69 -3.07 -0.07
C33 SVR G . 4.67 -1.97 0.47
C37 SVR G . 3.52 -1.49 -0.14
C38 SVR G . 4.66 -2.29 1.81
C40 SVR G . 3.50 -2.10 2.55
C42 SVR G . 2.35 -1.61 1.94
C39 SVR G . 2.35 -1.30 0.60
N41 SVR G . 1.13 -0.77 -0.04
C43 SVR G . 1.17 0.35 -1.00
O45 SVR G . 2.20 0.86 -1.28
N44 SVR G . -0.09 0.81 -1.61
C46 SVR G . -0.28 1.90 -2.57
C47 SVR G . 0.78 2.42 -3.32
C48 SVR G . -1.57 2.40 -2.74
C50 SVR G . -1.79 3.43 -3.64
C52 SVR G . -0.75 3.95 -4.38
C49 SVR G . 0.53 3.44 -4.23
C51 SVR G . 1.69 4.04 -5.04
O54 SVR G . 1.57 5.12 -5.51
N53 SVR G . 2.93 3.31 -5.25
C55 SVR G . 3.95 4.01 -6.00
C56 SVR G . 3.93 4.13 -7.38
C57 SVR G . 4.95 4.60 -5.25
C59 SVR G . 4.93 4.45 -3.74
C60 SVR G . 5.97 5.30 -5.87
C62 SVR G . 5.96 5.42 -7.25
C58 SVR G . 4.95 4.85 -8.00
C61 SVR G . 5.03 5.02 -9.53
O64 SVR G . 4.36 4.36 -10.24
N63 SVR G . 5.93 6.05 -10.07
C65 SVR G . 6.01 6.22 -11.51
C67 SVR G . 6.52 5.21 -12.29
C70 SVR G . 6.60 5.38 -13.66
C71 SVR G . 6.16 6.56 -14.26
S75 SVR G . 6.36 6.47 -16.06
O80 SVR G . 5.23 7.20 -16.74
O81 SVR G . 7.56 7.23 -16.57
O82 SVR G . 6.41 5.02 -16.47
C66 SVR G . 5.56 7.42 -12.11
C68 SVR G . 5.63 7.58 -13.47
C72 SVR G . 5.18 8.79 -14.04
C69 SVR G . 5.05 8.43 -11.30
S73 SVR G . 4.71 8.81 -9.57
O77 SVR G . 5.99 9.02 -8.78
O78 SVR G . 4.02 10.14 -9.45
O79 SVR G . 3.86 7.72 -8.94
C74 SVR G . 4.59 9.63 -11.87
C76 SVR G . 4.66 9.80 -13.24
S83 SVR G . 4.05 11.40 -13.88
O85 SVR G . 4.61 12.52 -13.04
O86 SVR G . 4.41 11.58 -15.34
O84 SVR G . 2.55 11.46 -13.94
#